data_8IHZ
#
_entry.id   8IHZ
#
_cell.length_a   86.578
_cell.length_b   86.578
_cell.length_c   147.416
_cell.angle_alpha   90.000
_cell.angle_beta   90.000
_cell.angle_gamma   90.000
#
_symmetry.space_group_name_H-M   'P 41 21 2'
#
loop_
_entity.id
_entity.type
_entity.pdbx_description
1 polymer 'Hypoxia-inducible factor 1-alpha inhibitor'
2 non-polymer 'SULFATE ION'
3 non-polymer 'ZINC ION'
4 non-polymer '2-[[5-[1-[3-(4-chlorophenyl)propyl]-1,2,3-triazol-4-yl]-3-oxidanyl-pyridin-2-yl]carbonylamino]ethanoic acid'
5 water water
#
_entity_poly.entity_id   1
_entity_poly.type   'polypeptide(L)'
_entity_poly.pdbx_seq_one_letter_code
;MAATAAEAVASGSGEPREEAGALGPAWDESQLRSYSFPTRPIPRLSQSDPRAEELIENEEPVVLTDTNLVYPALKWDLEY
LQENIGNGDFSVYSASTHKFLYYDEKKMANFQNFKPRSNREEMKFHEFVEKLQDIQQRGGEERLYLQQTLNDTVGRKIVM
DFLGFNWNWINKQQGKRGWGQLTSNLLLIGMEGNVTPAHYDEQQNFFAQIKGYKRCILFPPDQFECLYPYPVHHPCDRQS
QVDFDNPDYERFPNFQNVVGYETVVGPGDVLYIPMYWWHHIESLLNGGITITVNFWYKGAPTPKRIEYPLKAHQKVAIMR
NIEKMLGEALGNPQEVGPLLNTMIKGRYN
;
_entity_poly.pdbx_strand_id   A
#
# COMPACT_ATOMS: atom_id res chain seq x y z
N VAL A 9 9.01 -4.66 -19.64
CA VAL A 9 9.44 -5.39 -18.39
C VAL A 9 9.88 -4.42 -17.30
N ALA A 10 10.52 -4.96 -16.24
CA ALA A 10 10.91 -4.16 -15.08
C ALA A 10 12.36 -3.72 -15.26
N SER A 11 12.57 -2.83 -16.27
CA SER A 11 13.81 -2.05 -16.31
C SER A 11 14.00 -1.26 -15.02
N GLY A 12 12.91 -0.83 -14.38
CA GLY A 12 13.09 -0.16 -13.11
C GLY A 12 13.26 -1.08 -11.92
N SER A 13 13.11 -2.40 -12.13
CA SER A 13 13.37 -3.38 -11.08
C SER A 13 14.66 -3.05 -10.32
N GLY A 14 15.74 -2.88 -11.07
CA GLY A 14 17.06 -2.64 -10.54
C GLY A 14 17.90 -3.91 -10.49
N GLU A 15 19.18 -3.77 -10.80
CA GLU A 15 20.15 -4.80 -10.50
C GLU A 15 20.18 -4.98 -8.98
N PRO A 16 19.93 -6.18 -8.46
CA PRO A 16 19.81 -6.31 -7.00
C PRO A 16 20.95 -5.65 -6.23
N ARG A 17 20.59 -5.08 -5.08
CA ARG A 17 21.58 -4.52 -4.16
C ARG A 17 22.37 -5.64 -3.49
N GLU A 18 23.67 -5.42 -3.28
CA GLU A 18 24.52 -6.40 -2.62
C GLU A 18 24.66 -6.00 -1.14
N GLU A 19 24.36 -6.94 -0.25
CA GLU A 19 24.40 -6.65 1.17
C GLU A 19 25.85 -6.61 1.68
N ALA A 20 26.05 -5.89 2.78
CA ALA A 20 27.39 -5.69 3.34
C ALA A 20 27.94 -6.97 3.95
N GLY A 21 29.27 -7.01 4.14
CA GLY A 21 29.91 -8.26 4.47
C GLY A 21 29.77 -9.33 3.40
N ALA A 22 29.50 -8.91 2.16
CA ALA A 22 29.42 -9.76 0.96
C ALA A 22 28.58 -11.01 1.17
N LEU A 23 27.45 -10.93 1.90
CA LEU A 23 26.66 -12.11 2.22
C LEU A 23 25.74 -12.54 1.06
N GLY A 24 25.99 -12.03 -0.15
CA GLY A 24 25.27 -12.43 -1.35
C GLY A 24 24.33 -11.36 -1.91
N PRO A 25 23.68 -11.67 -3.05
CA PRO A 25 22.56 -10.83 -3.52
C PRO A 25 21.36 -10.94 -2.57
N ALA A 26 20.87 -9.78 -2.11
CA ALA A 26 19.75 -9.77 -1.17
C ALA A 26 18.56 -10.52 -1.76
N TRP A 27 18.37 -10.40 -3.07
CA TRP A 27 17.32 -11.07 -3.80
C TRP A 27 17.74 -11.12 -5.27
N ASP A 28 17.11 -12.01 -6.02
CA ASP A 28 17.33 -12.09 -7.46
C ASP A 28 15.97 -12.04 -8.15
N GLU A 29 15.99 -11.63 -9.42
CA GLU A 29 14.74 -11.25 -10.07
C GLU A 29 13.78 -12.41 -10.26
N SER A 30 14.24 -13.65 -10.09
CA SER A 30 13.33 -14.79 -10.15
C SER A 30 12.30 -14.75 -9.03
N GLN A 31 12.46 -13.85 -8.05
CA GLN A 31 11.52 -13.67 -6.96
C GLN A 31 10.50 -12.58 -7.25
N LEU A 32 10.61 -11.93 -8.40
CA LEU A 32 9.65 -10.92 -8.83
C LEU A 32 8.65 -11.55 -9.79
N ARG A 33 7.39 -11.12 -9.69
CA ARG A 33 6.38 -11.63 -10.59
C ARG A 33 6.47 -10.92 -11.94
N SER A 34 5.97 -11.61 -12.97
CA SER A 34 6.04 -11.13 -14.35
C SER A 34 4.79 -10.33 -14.68
N TYR A 35 4.98 -9.16 -15.27
CA TYR A 35 3.89 -8.25 -15.57
C TYR A 35 4.07 -7.65 -16.95
N SER A 36 2.97 -7.13 -17.50
CA SER A 36 2.86 -6.81 -18.91
C SER A 36 3.18 -5.36 -19.21
N PHE A 37 3.64 -4.60 -18.23
CA PHE A 37 3.90 -3.19 -18.44
C PHE A 37 5.35 -2.85 -18.15
N PRO A 38 5.87 -1.80 -18.75
CA PRO A 38 7.22 -1.35 -18.40
C PRO A 38 7.24 -0.59 -17.08
N THR A 39 8.44 -0.45 -16.52
CA THR A 39 8.63 0.42 -15.36
C THR A 39 10.02 1.08 -15.43
N ARG A 40 10.14 2.23 -14.76
CA ARG A 40 11.37 2.93 -14.46
C ARG A 40 11.60 2.89 -12.94
N PRO A 41 12.83 3.03 -12.46
CA PRO A 41 13.11 2.78 -11.03
C PRO A 41 12.92 4.01 -10.17
N ILE A 42 12.33 3.79 -9.00
CA ILE A 42 12.26 4.87 -8.00
C ILE A 42 13.66 5.16 -7.47
N PRO A 43 13.99 6.41 -7.19
CA PRO A 43 15.35 6.72 -6.73
C PRO A 43 15.54 6.31 -5.28
N ARG A 44 16.68 5.68 -5.01
CA ARG A 44 17.09 5.37 -3.64
C ARG A 44 18.11 6.43 -3.24
N LEU A 45 17.73 7.30 -2.30
CA LEU A 45 18.57 8.43 -1.92
C LEU A 45 18.84 8.45 -0.42
N SER A 46 19.75 9.32 0.02
CA SER A 46 19.91 9.61 1.44
C SER A 46 18.97 10.75 1.89
N GLN A 47 18.53 10.66 3.15
CA GLN A 47 17.67 11.69 3.75
C GLN A 47 18.28 13.08 3.70
N SER A 48 19.62 13.18 3.80
CA SER A 48 20.34 14.45 3.72
C SER A 48 20.39 15.00 2.31
N ASP A 49 20.14 14.15 1.32
CA ASP A 49 20.22 14.54 -0.07
C ASP A 49 19.09 15.50 -0.38
N PRO A 50 19.37 16.70 -0.88
CA PRO A 50 18.27 17.65 -1.14
C PRO A 50 17.39 17.22 -2.30
N ARG A 51 17.93 16.44 -3.25
CA ARG A 51 17.09 15.85 -4.28
C ARG A 51 15.91 15.11 -3.67
N ALA A 52 16.11 14.47 -2.51
CA ALA A 52 15.04 13.73 -1.89
C ALA A 52 14.07 14.63 -1.14
N GLU A 53 14.52 15.77 -0.62
CA GLU A 53 13.57 16.70 -0.02
C GLU A 53 12.69 17.33 -1.09
N GLU A 54 13.24 17.52 -2.29
CA GLU A 54 12.46 18.12 -3.38
C GLU A 54 11.48 17.12 -3.97
N LEU A 55 11.85 15.84 -4.01
CA LEU A 55 10.92 14.82 -4.45
C LEU A 55 9.68 14.78 -3.56
N ILE A 56 9.88 14.93 -2.25
CA ILE A 56 8.75 14.86 -1.33
C ILE A 56 7.90 16.13 -1.41
N GLU A 57 8.54 17.30 -1.42
CA GLU A 57 7.74 18.51 -1.55
C GLU A 57 6.94 18.53 -2.84
N ASN A 58 7.47 17.92 -3.91
CA ASN A 58 6.74 17.76 -5.15
C ASN A 58 5.94 16.47 -5.22
N GLU A 59 5.67 15.86 -4.07
CA GLU A 59 4.80 14.70 -3.98
C GLU A 59 5.17 13.64 -5.02
N GLU A 60 6.46 13.31 -5.07
CA GLU A 60 6.94 12.23 -5.92
C GLU A 60 7.63 11.16 -5.08
N PRO A 61 7.53 9.90 -5.46
CA PRO A 61 8.04 8.84 -4.59
C PRO A 61 9.57 8.80 -4.56
N VAL A 62 10.09 8.46 -3.39
CA VAL A 62 11.53 8.32 -3.19
C VAL A 62 11.75 7.29 -2.10
N VAL A 63 12.78 6.46 -2.26
CA VAL A 63 13.20 5.55 -1.21
C VAL A 63 14.28 6.24 -0.39
N LEU A 64 14.00 6.49 0.88
CA LEU A 64 14.99 7.03 1.82
C LEU A 64 15.64 5.85 2.51
N THR A 65 16.99 5.84 2.53
N THR A 65 16.98 5.83 2.52
CA THR A 65 17.77 4.64 2.85
CA THR A 65 17.75 4.65 2.85
C THR A 65 18.43 4.69 4.23
C THR A 65 18.43 4.69 4.23
N ASP A 66 18.34 5.80 4.95
CA ASP A 66 19.10 5.99 6.18
C ASP A 66 18.38 6.92 7.14
N THR A 67 17.06 6.78 7.27
CA THR A 67 16.35 7.62 8.22
C THR A 67 16.47 7.11 9.65
N ASN A 68 16.71 5.81 9.83
CA ASN A 68 16.63 5.19 11.15
C ASN A 68 15.24 5.36 11.75
N LEU A 69 14.25 5.52 10.88
CA LEU A 69 12.89 5.76 11.34
C LEU A 69 12.42 4.67 12.30
N VAL A 70 12.74 3.42 12.00
CA VAL A 70 12.28 2.29 12.81
C VAL A 70 13.47 1.39 13.12
N TYR A 71 14.63 2.00 13.33
CA TYR A 71 15.82 1.24 13.70
C TYR A 71 15.53 0.20 14.77
N PRO A 72 14.86 0.53 15.89
CA PRO A 72 14.64 -0.50 16.92
C PRO A 72 13.84 -1.70 16.43
N ALA A 73 13.00 -1.53 15.40
CA ALA A 73 12.17 -2.64 14.94
C ALA A 73 12.94 -3.63 14.05
N LEU A 74 14.14 -3.28 13.59
CA LEU A 74 14.85 -4.17 12.68
C LEU A 74 15.17 -5.50 13.35
N LYS A 75 15.29 -5.51 14.68
CA LYS A 75 15.47 -6.76 15.39
C LYS A 75 14.21 -7.60 15.42
N TRP A 76 13.07 -7.06 14.99
CA TRP A 76 11.84 -7.80 15.11
C TRP A 76 11.91 -9.07 14.26
N ASP A 77 11.11 -10.05 14.68
CA ASP A 77 10.97 -11.35 14.03
C ASP A 77 9.71 -11.89 14.69
N LEU A 78 9.26 -13.09 14.33
CA LEU A 78 8.06 -13.65 14.96
C LEU A 78 8.25 -13.98 16.43
N GLU A 79 9.26 -14.80 16.76
CA GLU A 79 9.54 -15.15 18.15
C GLU A 79 9.51 -13.93 19.08
N TYR A 80 10.34 -12.93 18.80
CA TYR A 80 10.39 -11.68 19.56
C TYR A 80 9.02 -11.03 19.72
N LEU A 81 8.23 -10.96 18.65
CA LEU A 81 6.91 -10.32 18.73
C LEU A 81 5.95 -11.14 19.58
N GLN A 82 5.92 -12.45 19.36
CA GLN A 82 5.06 -13.32 20.15
C GLN A 82 5.29 -13.12 21.64
N GLU A 83 6.55 -13.09 22.07
CA GLU A 83 6.82 -13.04 23.50
C GLU A 83 6.57 -11.66 24.10
N ASN A 84 6.51 -10.61 23.28
CA ASN A 84 6.47 -9.26 23.84
C ASN A 84 5.33 -8.36 23.41
N ILE A 85 4.36 -8.86 22.66
CA ILE A 85 3.40 -7.96 22.02
C ILE A 85 2.07 -7.89 22.78
N GLY A 86 1.79 -8.86 23.63
CA GLY A 86 0.58 -8.95 24.43
C GLY A 86 -0.42 -9.95 23.90
N ASN A 87 -1.57 -9.95 24.58
CA ASN A 87 -2.78 -10.70 24.29
C ASN A 87 -3.84 -9.69 23.81
N GLY A 88 -3.58 -9.24 22.58
CA GLY A 88 -4.44 -8.34 21.86
C GLY A 88 -5.13 -9.07 20.72
N ASP A 89 -6.22 -8.47 20.23
CA ASP A 89 -6.91 -8.93 19.03
C ASP A 89 -6.29 -8.27 17.80
N PHE A 90 -5.80 -9.13 16.89
CA PHE A 90 -5.07 -8.73 15.70
C PHE A 90 -5.86 -9.22 14.50
N SER A 91 -6.26 -8.27 13.66
CA SER A 91 -7.00 -8.60 12.45
C SER A 91 -6.10 -9.36 11.50
N VAL A 92 -6.61 -10.46 10.96
CA VAL A 92 -5.84 -11.33 10.06
C VAL A 92 -6.74 -11.71 8.90
N TYR A 93 -6.25 -11.49 7.69
CA TYR A 93 -7.01 -11.78 6.49
C TYR A 93 -6.50 -13.08 5.86
N SER A 94 -7.45 -13.91 5.46
CA SER A 94 -7.20 -15.19 4.81
C SER A 94 -7.29 -15.02 3.30
N ALA A 95 -6.65 -15.92 2.57
CA ALA A 95 -6.80 -15.83 1.12
C ALA A 95 -6.49 -17.16 0.46
N SER A 96 -7.23 -17.39 -0.63
CA SER A 96 -7.03 -18.57 -1.45
C SER A 96 -5.79 -18.46 -2.35
N THR A 97 -5.29 -17.24 -2.56
CA THR A 97 -4.33 -16.98 -3.63
C THR A 97 -3.33 -15.93 -3.14
N HIS A 98 -2.31 -15.69 -3.97
CA HIS A 98 -1.35 -14.64 -3.67
C HIS A 98 -1.98 -13.26 -3.61
N LYS A 99 -3.07 -13.03 -4.34
CA LYS A 99 -3.80 -11.75 -4.34
C LYS A 99 -4.66 -11.59 -3.09
N PHE A 100 -4.48 -10.47 -2.41
CA PHE A 100 -5.24 -10.08 -1.23
C PHE A 100 -6.13 -8.88 -1.56
N LEU A 101 -7.24 -9.14 -2.24
CA LEU A 101 -8.26 -8.11 -2.43
C LEU A 101 -8.97 -7.87 -1.12
N TYR A 102 -9.01 -6.60 -0.69
CA TYR A 102 -9.71 -6.25 0.53
C TYR A 102 -11.00 -5.51 0.21
N TYR A 103 -11.96 -5.67 1.13
CA TYR A 103 -13.31 -5.14 1.01
C TYR A 103 -13.61 -4.20 2.17
N ASP A 104 -14.05 -2.99 1.86
CA ASP A 104 -14.64 -2.15 2.89
C ASP A 104 -15.95 -2.79 3.33
N GLU A 105 -16.03 -3.19 4.60
CA GLU A 105 -17.19 -3.94 5.07
C GLU A 105 -18.42 -3.05 5.25
N LYS A 106 -18.25 -1.74 5.50
CA LYS A 106 -19.46 -0.93 5.66
C LYS A 106 -20.13 -0.69 4.30
N LYS A 107 -19.34 -0.46 3.25
CA LYS A 107 -19.87 -0.42 1.89
C LYS A 107 -20.47 -1.75 1.43
N MET A 108 -20.31 -2.80 2.25
CA MET A 108 -20.66 -4.17 1.90
C MET A 108 -22.15 -4.38 1.70
N ALA A 109 -23.00 -3.51 2.28
CA ALA A 109 -24.44 -3.68 2.20
C ALA A 109 -25.06 -3.04 0.95
N ASN A 110 -24.30 -2.29 0.16
CA ASN A 110 -24.76 -1.85 -1.16
C ASN A 110 -24.87 -3.04 -2.14
N PHE A 111 -23.73 -3.54 -2.61
CA PHE A 111 -23.68 -4.72 -3.47
C PHE A 111 -23.71 -5.99 -2.61
N GLN A 112 -24.58 -6.93 -2.95
CA GLN A 112 -24.51 -8.26 -2.38
C GLN A 112 -23.96 -9.30 -3.34
N ASN A 113 -23.88 -9.00 -4.64
CA ASN A 113 -23.58 -10.02 -5.65
C ASN A 113 -22.13 -9.97 -6.15
N PHE A 114 -21.21 -9.48 -5.31
CA PHE A 114 -19.76 -9.61 -5.54
C PHE A 114 -19.15 -10.30 -4.29
N LYS A 115 -19.18 -11.63 -4.28
CA LYS A 115 -18.88 -12.39 -3.06
C LYS A 115 -17.46 -12.21 -2.54
N PRO A 116 -17.23 -12.48 -1.25
CA PRO A 116 -15.94 -12.18 -0.64
C PRO A 116 -14.99 -13.36 -0.75
N ARG A 117 -13.77 -13.09 -1.22
CA ARG A 117 -12.77 -14.14 -1.34
C ARG A 117 -11.53 -13.85 -0.49
N SER A 118 -11.63 -12.94 0.48
CA SER A 118 -10.56 -12.77 1.47
C SER A 118 -11.23 -12.24 2.73
N ASN A 119 -11.02 -12.88 3.87
CA ASN A 119 -11.83 -12.58 5.03
C ASN A 119 -10.98 -12.35 6.27
N ARG A 120 -11.46 -11.44 7.12
CA ARG A 120 -10.86 -11.09 8.39
C ARG A 120 -11.17 -12.14 9.44
N GLU A 121 -10.30 -12.18 10.45
CA GLU A 121 -10.53 -13.03 11.61
C GLU A 121 -9.61 -12.65 12.77
N GLU A 122 -10.20 -12.16 13.87
CA GLU A 122 -9.37 -11.78 15.00
C GLU A 122 -8.59 -12.99 15.47
N MET A 123 -7.36 -12.73 15.89
CA MET A 123 -6.52 -13.73 16.48
C MET A 123 -5.60 -13.11 17.52
N LYS A 124 -5.18 -13.94 18.46
CA LYS A 124 -4.10 -13.66 19.36
C LYS A 124 -2.81 -14.09 18.69
N PHE A 125 -1.79 -13.26 18.87
CA PHE A 125 -0.58 -13.39 18.05
C PHE A 125 -0.13 -14.84 17.98
N HIS A 126 -0.20 -15.56 19.10
CA HIS A 126 0.30 -16.92 19.10
C HIS A 126 -0.51 -17.80 18.15
N GLU A 127 -1.80 -17.50 17.99
CA GLU A 127 -2.62 -18.30 17.07
C GLU A 127 -2.26 -18.03 15.62
N PHE A 128 -1.99 -16.77 15.31
CA PHE A 128 -1.52 -16.41 13.97
C PHE A 128 -0.27 -17.21 13.61
N VAL A 129 0.80 -17.06 14.39
CA VAL A 129 2.01 -17.85 14.16
C VAL A 129 1.66 -19.33 14.15
N GLU A 130 0.80 -19.77 15.06
CA GLU A 130 0.28 -21.14 14.99
C GLU A 130 -0.13 -21.49 13.57
N LYS A 131 -1.00 -20.66 12.97
CA LYS A 131 -1.53 -20.92 11.63
C LYS A 131 -0.43 -20.99 10.58
N LEU A 132 0.56 -20.10 10.65
CA LEU A 132 1.68 -20.15 9.71
C LEU A 132 2.52 -21.41 9.93
N GLN A 133 2.72 -21.78 11.20
CA GLN A 133 3.45 -23.00 11.48
C GLN A 133 2.77 -24.20 10.83
N ASP A 134 1.47 -24.39 11.07
CA ASP A 134 0.83 -25.56 10.45
C ASP A 134 0.77 -25.41 8.94
N ILE A 135 0.29 -24.27 8.43
CA ILE A 135 0.36 -24.06 6.98
C ILE A 135 1.77 -24.41 6.54
N GLN A 136 2.75 -23.95 7.33
CA GLN A 136 4.13 -24.31 7.08
C GLN A 136 4.30 -25.82 6.95
N GLN A 137 3.81 -26.56 7.95
CA GLN A 137 4.08 -27.99 8.00
C GLN A 137 3.38 -28.72 6.86
N ARG A 138 2.07 -28.55 6.70
CA ARG A 138 1.31 -29.28 5.69
C ARG A 138 1.55 -28.76 4.27
N GLY A 139 2.46 -27.80 4.10
CA GLY A 139 2.71 -27.27 2.77
C GLY A 139 1.53 -26.59 2.13
N GLY A 140 0.50 -26.26 2.92
CA GLY A 140 -0.72 -25.71 2.39
C GLY A 140 -0.52 -24.48 1.52
N GLU A 141 -1.54 -24.14 0.74
CA GLU A 141 -1.49 -23.00 -0.17
C GLU A 141 -2.31 -21.84 0.33
N GLU A 142 -3.06 -22.00 1.43
CA GLU A 142 -3.67 -20.86 2.09
C GLU A 142 -2.60 -19.83 2.44
N ARG A 143 -2.93 -18.56 2.24
CA ARG A 143 -2.05 -17.46 2.60
C ARG A 143 -2.70 -16.61 3.68
N LEU A 144 -1.85 -15.92 4.44
CA LEU A 144 -2.29 -15.09 5.55
C LEU A 144 -1.58 -13.76 5.50
N TYR A 145 -2.27 -12.72 5.98
CA TYR A 145 -1.71 -11.37 5.99
C TYR A 145 -2.23 -10.70 7.26
N LEU A 146 -1.36 -10.55 8.26
CA LEU A 146 -1.73 -9.80 9.45
C LEU A 146 -1.60 -8.30 9.18
N GLN A 147 -2.62 -7.56 9.57
CA GLN A 147 -2.65 -6.12 9.36
C GLN A 147 -3.41 -5.52 10.54
N GLN A 148 -2.70 -4.83 11.42
CA GLN A 148 -3.34 -4.25 12.59
C GLN A 148 -2.62 -2.96 12.98
N THR A 149 -3.39 -1.89 13.21
CA THR A 149 -2.85 -0.74 13.95
C THR A 149 -2.44 -1.17 15.38
N LEU A 150 -1.14 -1.06 15.70
CA LEU A 150 -0.69 -1.24 17.08
C LEU A 150 -1.09 -0.03 17.92
N ASN A 151 -1.44 -0.32 19.17
CA ASN A 151 -2.00 0.64 20.12
C ASN A 151 -1.29 0.42 21.44
N ASP A 152 -1.77 1.13 22.48
CA ASP A 152 -1.04 1.11 23.74
C ASP A 152 -1.04 -0.27 24.37
N THR A 153 -1.92 -1.16 23.88
CA THR A 153 -2.18 -2.46 24.48
C THR A 153 -0.87 -3.22 24.68
N VAL A 154 0.12 -2.94 23.85
CA VAL A 154 1.18 -3.89 23.54
C VAL A 154 2.18 -3.98 24.68
N GLY A 155 3.11 -4.94 24.55
CA GLY A 155 4.09 -5.20 25.56
C GLY A 155 5.02 -4.06 25.89
N ARG A 156 5.81 -4.30 26.94
CA ARG A 156 6.79 -3.33 27.41
C ARG A 156 7.96 -3.19 26.43
N LYS A 157 8.49 -4.31 25.92
CA LYS A 157 9.59 -4.23 24.95
C LYS A 157 9.15 -3.50 23.68
N ILE A 158 7.90 -3.69 23.26
CA ILE A 158 7.50 -3.13 21.98
C ILE A 158 7.13 -1.65 22.09
N VAL A 159 6.64 -1.21 23.26
CA VAL A 159 6.47 0.23 23.45
C VAL A 159 7.84 0.93 23.44
N MET A 160 8.86 0.30 24.02
CA MET A 160 10.18 0.92 24.04
C MET A 160 10.74 1.02 22.63
N ASP A 161 10.58 -0.03 21.83
CA ASP A 161 10.91 0.03 20.41
C ASP A 161 10.19 1.19 19.71
N PHE A 162 8.85 1.19 19.81
CA PHE A 162 8.08 2.27 19.18
C PHE A 162 8.62 3.63 19.61
N LEU A 163 8.91 3.80 20.91
CA LEU A 163 9.47 5.08 21.38
C LEU A 163 10.85 5.35 20.80
N GLY A 164 11.61 4.31 20.44
CA GLY A 164 12.88 4.50 19.77
C GLY A 164 12.83 4.76 18.29
N PHE A 165 11.65 4.94 17.71
CA PHE A 165 11.56 5.38 16.33
C PHE A 165 12.10 6.81 16.20
N ASN A 166 12.50 7.17 14.99
CA ASN A 166 13.07 8.50 14.75
C ASN A 166 11.96 9.52 14.54
N TRP A 167 11.21 9.73 15.62
CA TRP A 167 10.10 10.68 15.57
C TRP A 167 10.58 12.07 15.17
N ASN A 168 11.78 12.46 15.59
CA ASN A 168 12.25 13.80 15.22
C ASN A 168 12.27 13.98 13.71
N TRP A 169 12.68 12.95 12.97
CA TRP A 169 12.81 13.09 11.52
C TRP A 169 11.43 13.19 10.87
N ILE A 170 10.53 12.27 11.20
CA ILE A 170 9.23 12.23 10.53
C ILE A 170 8.37 13.42 10.96
N ASN A 171 8.38 13.72 12.26
CA ASN A 171 7.65 14.89 12.75
C ASN A 171 8.09 16.17 12.05
N LYS A 172 9.38 16.30 11.74
CA LYS A 172 9.85 17.43 10.94
C LYS A 172 9.25 17.40 9.53
N GLN A 173 9.21 16.22 8.89
CA GLN A 173 8.60 16.12 7.56
C GLN A 173 7.12 16.54 7.60
N GLN A 174 6.40 16.13 8.64
CA GLN A 174 5.00 16.51 8.75
C GLN A 174 4.84 18.02 8.82
N GLY A 175 5.75 18.70 9.50
CA GLY A 175 5.68 20.13 9.60
C GLY A 175 6.14 20.82 8.34
N LYS A 176 7.27 20.38 7.78
CA LYS A 176 7.80 21.00 6.58
C LYS A 176 6.86 20.89 5.39
N ARG A 177 6.03 19.85 5.34
CA ARG A 177 5.06 19.67 4.27
C ARG A 177 3.67 20.18 4.62
N GLY A 178 3.50 20.70 5.83
CA GLY A 178 2.22 21.24 6.23
C GLY A 178 1.17 20.16 6.41
N TRP A 179 1.57 18.90 6.32
CA TRP A 179 0.60 17.83 6.45
C TRP A 179 -0.14 17.92 7.78
N GLY A 180 -1.19 17.12 7.90
CA GLY A 180 -2.01 17.04 9.08
C GLY A 180 -1.61 15.90 9.99
N GLN A 181 -2.56 15.46 10.80
CA GLN A 181 -2.28 14.51 11.86
C GLN A 181 -1.91 13.13 11.32
N LEU A 182 -0.91 12.51 11.95
CA LEU A 182 -0.71 11.09 11.76
C LEU A 182 -2.00 10.36 12.06
N THR A 183 -2.57 9.76 11.02
N THR A 183 -2.57 9.71 11.05
CA THR A 183 -3.79 8.97 11.19
CA THR A 183 -3.81 8.98 11.28
C THR A 183 -3.50 7.67 11.92
C THR A 183 -3.53 7.63 11.94
N SER A 184 -2.67 6.81 11.34
CA SER A 184 -2.47 5.48 11.90
C SER A 184 -1.08 4.90 11.64
N ASN A 185 -0.90 3.65 12.09
CA ASN A 185 0.35 2.99 12.19
C ASN A 185 0.09 1.52 11.90
N LEU A 186 -0.21 1.16 10.67
CA LEU A 186 -0.43 -0.26 10.50
C LEU A 186 0.90 -1.02 10.54
N LEU A 187 0.83 -2.20 11.13
CA LEU A 187 1.84 -3.24 11.03
C LEU A 187 1.37 -4.33 10.09
N LEU A 188 2.24 -4.70 9.15
CA LEU A 188 1.91 -5.73 8.18
C LEU A 188 2.92 -6.85 8.29
N ILE A 189 2.41 -8.06 8.45
CA ILE A 189 3.20 -9.28 8.48
C ILE A 189 2.57 -10.23 7.47
N GLY A 190 3.34 -10.60 6.45
CA GLY A 190 2.80 -11.33 5.34
C GLY A 190 3.73 -12.44 4.90
N MET A 191 3.15 -13.37 4.15
CA MET A 191 3.88 -14.53 3.65
C MET A 191 4.52 -14.21 2.30
N GLU A 192 5.57 -14.96 1.99
CA GLU A 192 6.22 -14.86 0.70
C GLU A 192 5.20 -14.98 -0.41
N GLY A 193 5.40 -14.19 -1.47
CA GLY A 193 4.52 -14.20 -2.61
C GLY A 193 3.25 -13.38 -2.46
N ASN A 194 2.88 -13.01 -1.23
CA ASN A 194 1.63 -12.30 -1.03
C ASN A 194 1.61 -11.00 -1.81
N VAL A 195 0.45 -10.67 -2.35
CA VAL A 195 0.28 -9.50 -3.21
C VAL A 195 -0.86 -8.65 -2.67
N THR A 196 -0.58 -7.35 -2.49
CA THR A 196 -1.62 -6.36 -2.26
C THR A 196 -1.89 -5.66 -3.59
N PRO A 197 -3.03 -5.92 -4.23
CA PRO A 197 -3.24 -5.43 -5.60
C PRO A 197 -3.28 -3.91 -5.65
N ALA A 198 -3.17 -3.39 -6.87
CA ALA A 198 -3.01 -1.96 -7.09
C ALA A 198 -4.20 -1.18 -6.57
N HIS A 199 -3.90 -0.08 -5.89
CA HIS A 199 -4.87 0.75 -5.17
C HIS A 199 -4.18 2.06 -4.86
N TYR A 200 -4.98 3.06 -4.53
CA TYR A 200 -4.39 4.31 -4.05
C TYR A 200 -5.00 4.65 -2.70
N ASP A 201 -4.25 5.37 -1.90
CA ASP A 201 -4.71 5.89 -0.62
C ASP A 201 -4.83 7.40 -0.71
N GLU A 202 -5.71 7.97 0.12
CA GLU A 202 -5.96 9.40 0.13
C GLU A 202 -4.96 10.16 1.00
N GLN A 203 -4.07 9.44 1.69
CA GLN A 203 -3.11 10.04 2.60
C GLN A 203 -1.67 9.86 2.12
N GLN A 204 -0.85 10.83 2.52
CA GLN A 204 0.59 10.71 2.46
C GLN A 204 1.02 9.53 3.31
N ASN A 205 1.96 8.76 2.79
CA ASN A 205 2.40 7.56 3.49
C ASN A 205 3.92 7.43 3.51
N PHE A 206 4.43 7.03 4.67
CA PHE A 206 5.81 6.61 4.87
C PHE A 206 5.82 5.12 5.19
N PHE A 207 6.28 4.32 4.22
CA PHE A 207 6.20 2.86 4.20
C PHE A 207 7.57 2.34 4.66
N ALA A 208 7.64 1.86 5.90
CA ALA A 208 8.91 1.58 6.57
C ALA A 208 9.16 0.07 6.69
N GLN A 209 10.09 -0.42 5.87
CA GLN A 209 10.38 -1.84 5.78
C GLN A 209 11.28 -2.28 6.92
N ILE A 210 11.03 -3.49 7.42
CA ILE A 210 11.61 -3.97 8.67
C ILE A 210 12.27 -5.32 8.46
N LYS A 211 11.50 -6.30 8.02
CA LYS A 211 11.99 -7.63 7.70
C LYS A 211 11.48 -8.08 6.35
N GLY A 212 12.40 -8.70 5.59
CA GLY A 212 12.08 -9.17 4.26
C GLY A 212 12.12 -8.05 3.24
N TYR A 213 11.85 -8.43 2.00
CA TYR A 213 11.90 -7.50 0.89
C TYR A 213 10.56 -7.44 0.20
N LYS A 214 10.14 -6.23 -0.15
CA LYS A 214 8.89 -6.02 -0.84
C LYS A 214 9.13 -5.25 -2.12
N ARG A 215 8.51 -5.72 -3.19
CA ARG A 215 8.50 -5.01 -4.46
C ARG A 215 7.29 -4.08 -4.51
N CYS A 216 7.55 -2.81 -4.74
CA CYS A 216 6.51 -1.79 -4.78
C CYS A 216 6.47 -1.21 -6.19
N ILE A 217 5.32 -1.30 -6.84
CA ILE A 217 5.11 -0.70 -8.17
C ILE A 217 4.10 0.42 -8.00
N LEU A 218 4.51 1.63 -8.31
CA LEU A 218 3.65 2.79 -8.13
C LEU A 218 3.23 3.35 -9.48
N PHE A 219 2.08 4.04 -9.49
CA PHE A 219 1.71 4.84 -10.64
C PHE A 219 1.24 6.21 -10.19
N PRO A 220 1.51 7.25 -10.98
CA PRO A 220 1.05 8.60 -10.61
C PRO A 220 -0.46 8.72 -10.73
N PRO A 221 -1.06 9.68 -10.03
CA PRO A 221 -2.51 9.87 -10.18
C PRO A 221 -2.96 10.08 -11.63
N ASP A 222 -2.13 10.71 -12.47
CA ASP A 222 -2.54 11.01 -13.84
C ASP A 222 -2.80 9.76 -14.68
N GLN A 223 -2.46 8.57 -14.19
CA GLN A 223 -2.77 7.32 -14.88
C GLN A 223 -4.06 6.67 -14.36
N PHE A 224 -4.88 7.44 -13.64
CA PHE A 224 -6.25 7.05 -13.34
C PHE A 224 -6.94 6.35 -14.52
N GLU A 225 -6.80 6.89 -15.73
CA GLU A 225 -7.50 6.38 -16.90
C GLU A 225 -7.13 4.95 -17.28
N CYS A 226 -5.93 4.51 -16.93
CA CYS A 226 -5.41 3.21 -17.31
C CYS A 226 -5.64 2.14 -16.24
N LEU A 227 -6.13 2.53 -15.06
CA LEU A 227 -6.20 1.63 -13.91
C LEU A 227 -7.61 1.32 -13.41
N TYR A 228 -8.62 2.06 -13.84
CA TYR A 228 -10.01 1.63 -13.79
C TYR A 228 -10.41 1.25 -12.36
N PRO A 229 -10.40 2.21 -11.45
CA PRO A 229 -10.85 1.91 -10.08
C PRO A 229 -12.30 1.44 -10.05
N TYR A 230 -12.65 0.61 -9.06
CA TYR A 230 -14.05 0.27 -8.85
C TYR A 230 -14.86 1.54 -8.58
N PRO A 231 -16.19 1.50 -8.65
CA PRO A 231 -16.97 2.67 -8.22
C PRO A 231 -16.72 2.97 -6.75
N VAL A 232 -16.95 4.24 -6.38
CA VAL A 232 -16.66 4.68 -5.02
C VAL A 232 -17.52 3.92 -4.01
N HIS A 233 -18.77 3.64 -4.35
CA HIS A 233 -19.67 2.99 -3.41
C HIS A 233 -19.46 1.48 -3.37
N HIS A 234 -18.60 0.94 -4.23
CA HIS A 234 -18.28 -0.48 -4.24
C HIS A 234 -17.32 -0.82 -3.10
N PRO A 235 -17.44 -2.05 -2.50
CA PRO A 235 -16.49 -2.43 -1.44
C PRO A 235 -15.01 -2.28 -1.78
N CYS A 236 -14.62 -2.38 -3.05
CA CYS A 236 -13.23 -2.33 -3.50
C CYS A 236 -12.89 -0.93 -4.02
N ASP A 237 -13.64 0.08 -3.53
CA ASP A 237 -13.32 1.49 -3.71
C ASP A 237 -11.84 1.72 -3.53
N ARG A 238 -11.22 2.26 -4.58
CA ARG A 238 -9.85 2.72 -4.64
C ARG A 238 -8.89 1.68 -5.13
N GLN A 239 -9.36 0.45 -5.38
CA GLN A 239 -8.60 -0.61 -6.01
C GLN A 239 -8.86 -0.60 -7.52
N SER A 240 -7.85 -1.05 -8.26
CA SER A 240 -7.98 -1.18 -9.69
C SER A 240 -8.77 -2.43 -10.00
N GLN A 241 -9.69 -2.31 -10.95
CA GLN A 241 -10.42 -3.50 -11.39
C GLN A 241 -9.58 -4.45 -12.22
N VAL A 242 -8.38 -4.05 -12.63
CA VAL A 242 -7.61 -4.80 -13.61
C VAL A 242 -6.81 -5.88 -12.89
N ASP A 243 -7.03 -7.12 -13.29
CA ASP A 243 -6.18 -8.24 -12.89
C ASP A 243 -4.81 -8.08 -13.52
N PHE A 244 -3.80 -7.71 -12.71
CA PHE A 244 -2.46 -7.55 -13.24
C PHE A 244 -1.91 -8.84 -13.84
N ASP A 245 -2.38 -9.98 -13.34
CA ASP A 245 -1.86 -11.27 -13.80
C ASP A 245 -2.48 -11.69 -15.12
N ASN A 246 -3.71 -11.27 -15.42
CA ASN A 246 -4.26 -11.45 -16.75
C ASN A 246 -5.18 -10.30 -17.07
N PRO A 247 -4.66 -9.25 -17.70
CA PRO A 247 -5.48 -8.07 -17.99
C PRO A 247 -6.49 -8.33 -19.10
N ASP A 248 -7.67 -7.75 -18.92
CA ASP A 248 -8.76 -7.77 -19.90
C ASP A 248 -8.68 -6.48 -20.70
N TYR A 249 -7.91 -6.51 -21.80
CA TYR A 249 -7.73 -5.28 -22.56
C TYR A 249 -8.97 -4.84 -23.31
N GLU A 250 -9.96 -5.72 -23.51
CA GLU A 250 -11.19 -5.25 -24.13
C GLU A 250 -11.99 -4.39 -23.16
N ARG A 251 -12.08 -4.82 -21.89
CA ARG A 251 -12.74 -3.99 -20.88
C ARG A 251 -11.87 -2.81 -20.43
N PHE A 252 -10.55 -2.94 -20.45
CA PHE A 252 -9.62 -1.93 -19.89
C PHE A 252 -8.55 -1.62 -20.91
N PRO A 253 -8.93 -1.10 -22.06
CA PRO A 253 -7.93 -0.92 -23.13
C PRO A 253 -6.73 -0.09 -22.70
N ASN A 254 -6.93 0.92 -21.85
CA ASN A 254 -5.85 1.86 -21.58
C ASN A 254 -4.85 1.34 -20.55
N PHE A 255 -5.06 0.16 -19.98
CA PHE A 255 -4.02 -0.51 -19.21
C PHE A 255 -2.84 -0.91 -20.09
N GLN A 256 -2.99 -0.85 -21.42
CA GLN A 256 -1.88 -1.04 -22.33
C GLN A 256 -0.99 0.20 -22.42
N ASN A 257 -1.36 1.30 -21.80
CA ASN A 257 -0.59 2.52 -21.78
C ASN A 257 0.04 2.82 -20.41
N VAL A 258 -0.10 1.90 -19.46
CA VAL A 258 0.33 2.15 -18.09
C VAL A 258 1.82 1.88 -17.97
N VAL A 259 2.54 2.86 -17.44
CA VAL A 259 3.95 2.70 -17.09
C VAL A 259 4.11 3.07 -15.62
N GLY A 260 4.91 2.28 -14.90
CA GLY A 260 5.04 2.40 -13.47
C GLY A 260 6.41 2.92 -13.02
N TYR A 261 6.44 3.28 -11.73
CA TYR A 261 7.66 3.52 -10.99
C TYR A 261 7.84 2.38 -9.98
N GLU A 262 9.01 1.75 -9.98
CA GLU A 262 9.19 0.49 -9.28
C GLU A 262 10.45 0.50 -8.41
N THR A 263 10.45 -0.39 -7.43
CA THR A 263 11.59 -0.52 -6.53
C THR A 263 11.35 -1.69 -5.61
N VAL A 264 12.45 -2.27 -5.11
CA VAL A 264 12.39 -3.24 -4.02
C VAL A 264 12.97 -2.59 -2.77
N VAL A 265 12.20 -2.64 -1.68
CA VAL A 265 12.63 -2.08 -0.40
C VAL A 265 12.95 -3.23 0.54
N GLY A 266 13.99 -3.05 1.34
CA GLY A 266 14.35 -4.01 2.34
C GLY A 266 14.53 -3.35 3.69
N PRO A 267 14.99 -4.12 4.67
CA PRO A 267 15.10 -3.59 6.05
C PRO A 267 15.85 -2.27 6.16
N GLY A 268 15.20 -1.27 6.72
CA GLY A 268 15.79 0.05 6.89
C GLY A 268 15.38 1.06 5.84
N ASP A 269 14.87 0.63 4.69
CA ASP A 269 14.42 1.57 3.68
C ASP A 269 13.06 2.16 4.08
N VAL A 270 12.86 3.43 3.75
CA VAL A 270 11.57 4.08 3.92
C VAL A 270 11.12 4.57 2.54
N LEU A 271 9.97 4.08 2.08
CA LEU A 271 9.43 4.48 0.79
C LEU A 271 8.34 5.51 1.04
N TYR A 272 8.53 6.71 0.52
CA TYR A 272 7.49 7.72 0.53
C TYR A 272 6.50 7.43 -0.60
N ILE A 273 5.27 7.09 -0.23
CA ILE A 273 4.19 6.91 -1.19
C ILE A 273 3.33 8.17 -1.15
N PRO A 274 3.42 9.06 -2.13
CA PRO A 274 2.60 10.27 -2.09
C PRO A 274 1.12 9.92 -2.21
N MET A 275 0.29 10.73 -1.54
CA MET A 275 -1.14 10.50 -1.54
C MET A 275 -1.64 10.43 -2.97
N TYR A 276 -2.66 9.61 -3.17
CA TYR A 276 -3.37 9.39 -4.42
C TYR A 276 -2.54 8.60 -5.44
N TRP A 277 -1.24 8.37 -5.20
CA TRP A 277 -0.45 7.49 -6.04
C TRP A 277 -0.89 6.04 -5.92
N TRP A 278 -1.04 5.39 -7.05
CA TRP A 278 -1.28 3.96 -7.08
C TRP A 278 -0.09 3.20 -6.53
N HIS A 279 -0.37 2.13 -5.79
CA HIS A 279 0.70 1.22 -5.47
C HIS A 279 0.23 -0.22 -5.46
N HIS A 280 1.10 -1.07 -6.01
CA HIS A 280 0.98 -2.52 -6.02
C HIS A 280 2.16 -3.05 -5.23
N ILE A 281 1.88 -3.92 -4.27
CA ILE A 281 2.93 -4.37 -3.34
C ILE A 281 2.96 -5.88 -3.33
N GLU A 282 4.15 -6.46 -3.48
CA GLU A 282 4.31 -7.91 -3.36
C GLU A 282 5.51 -8.24 -2.49
N SER A 283 5.31 -9.18 -1.57
CA SER A 283 6.41 -9.81 -0.84
C SER A 283 7.07 -10.81 -1.76
N LEU A 284 8.37 -10.66 -1.97
CA LEU A 284 9.05 -11.42 -3.00
C LEU A 284 8.83 -12.91 -2.78
N LEU A 285 8.75 -13.65 -3.88
CA LEU A 285 8.56 -15.09 -3.76
C LEU A 285 9.79 -15.74 -3.13
N ASN A 286 9.53 -16.67 -2.22
CA ASN A 286 10.58 -17.42 -1.52
C ASN A 286 11.50 -16.51 -0.71
N GLY A 287 11.07 -15.28 -0.45
CA GLY A 287 11.79 -14.39 0.43
C GLY A 287 11.41 -14.51 1.88
N GLY A 288 10.42 -15.34 2.18
CA GLY A 288 10.00 -15.62 3.54
C GLY A 288 8.99 -14.62 4.07
N ILE A 289 9.07 -14.34 5.36
CA ILE A 289 8.11 -13.46 6.03
C ILE A 289 8.55 -12.02 5.84
N THR A 290 7.59 -11.14 5.58
CA THR A 290 7.84 -9.71 5.47
C THR A 290 7.20 -9.01 6.65
N ILE A 291 7.82 -7.91 7.06
CA ILE A 291 7.28 -7.05 8.11
C ILE A 291 7.47 -5.60 7.69
N THR A 292 6.40 -4.82 7.83
CA THR A 292 6.39 -3.41 7.48
C THR A 292 5.59 -2.65 8.53
N VAL A 293 5.93 -1.38 8.70
CA VAL A 293 5.11 -0.45 9.45
C VAL A 293 4.84 0.76 8.56
N ASN A 294 3.59 1.21 8.54
CA ASN A 294 3.21 2.38 7.75
C ASN A 294 2.81 3.54 8.66
N PHE A 295 3.06 4.74 8.17
CA PHE A 295 2.79 5.98 8.87
C PHE A 295 1.93 6.85 7.96
N TRP A 296 0.63 6.94 8.24
CA TRP A 296 -0.28 7.71 7.39
C TRP A 296 -0.57 9.06 8.02
N TYR A 297 -0.49 10.11 7.20
CA TYR A 297 -0.77 11.48 7.62
C TYR A 297 -1.83 12.05 6.69
N LYS A 298 -2.89 12.62 7.26
CA LYS A 298 -3.75 13.50 6.47
C LYS A 298 -2.85 14.47 5.73
N GLY A 299 -3.12 14.65 4.44
CA GLY A 299 -2.28 15.53 3.66
C GLY A 299 -2.50 16.99 4.01
N ALA A 300 -1.67 17.85 3.41
CA ALA A 300 -1.80 19.28 3.64
C ALA A 300 -3.20 19.76 3.20
N PRO A 301 -3.72 20.80 3.83
CA PRO A 301 -5.03 21.32 3.44
C PRO A 301 -4.95 22.11 2.14
N THR A 302 -6.07 22.13 1.42
CA THR A 302 -6.11 22.73 0.10
C THR A 302 -6.22 24.26 0.21
N PRO A 303 -5.34 25.01 -0.44
CA PRO A 303 -5.35 26.47 -0.26
C PRO A 303 -6.69 27.08 -0.66
N LYS A 304 -6.89 28.34 -0.26
CA LYS A 304 -8.23 28.92 -0.25
C LYS A 304 -8.69 29.28 -1.65
N ARG A 305 -7.85 29.96 -2.41
CA ARG A 305 -8.15 30.23 -3.81
C ARG A 305 -7.19 29.44 -4.68
N ILE A 306 -7.73 28.59 -5.54
CA ILE A 306 -6.97 27.49 -6.13
C ILE A 306 -6.23 27.94 -7.38
N GLU A 307 -5.09 27.28 -7.63
CA GLU A 307 -4.28 27.54 -8.82
C GLU A 307 -4.63 26.51 -9.90
N TYR A 308 -5.01 27.01 -11.06
CA TYR A 308 -5.17 26.18 -12.24
C TYR A 308 -3.86 26.14 -13.02
N PRO A 309 -3.68 25.15 -13.91
CA PRO A 309 -4.55 23.99 -14.13
C PRO A 309 -4.44 23.05 -12.93
N LEU A 310 -5.52 22.39 -12.55
CA LEU A 310 -5.47 21.57 -11.36
C LEU A 310 -4.54 20.38 -11.57
N LYS A 311 -4.09 19.80 -10.46
CA LYS A 311 -3.27 18.61 -10.50
C LYS A 311 -4.13 17.35 -10.46
N ALA A 312 -3.56 16.26 -10.97
CA ALA A 312 -4.35 15.05 -11.17
C ALA A 312 -5.07 14.62 -9.89
N HIS A 313 -4.38 14.63 -8.75
CA HIS A 313 -5.03 14.13 -7.55
C HIS A 313 -6.25 14.96 -7.20
N GLN A 314 -6.29 16.23 -7.60
CA GLN A 314 -7.47 17.05 -7.32
C GLN A 314 -8.63 16.67 -8.23
N LYS A 315 -8.34 16.37 -9.50
CA LYS A 315 -9.37 15.86 -10.39
C LYS A 315 -9.94 14.55 -9.86
N VAL A 316 -9.08 13.71 -9.26
CA VAL A 316 -9.56 12.44 -8.71
C VAL A 316 -10.51 12.71 -7.56
N ALA A 317 -10.12 13.58 -6.63
CA ALA A 317 -10.99 13.95 -5.53
C ALA A 317 -12.32 14.51 -6.03
N ILE A 318 -12.28 15.28 -7.13
CA ILE A 318 -13.51 15.78 -7.73
C ILE A 318 -14.40 14.62 -8.16
N MET A 319 -13.86 13.73 -9.00
CA MET A 319 -14.64 12.58 -9.45
C MET A 319 -15.20 11.81 -8.27
N ARG A 320 -14.37 11.54 -7.26
CA ARG A 320 -14.85 10.88 -6.06
C ARG A 320 -16.03 11.62 -5.47
N ASN A 321 -15.96 12.95 -5.40
CA ASN A 321 -17.03 13.72 -4.78
C ASN A 321 -18.29 13.69 -5.63
N ILE A 322 -18.16 13.75 -6.97
CA ILE A 322 -19.33 13.61 -7.82
C ILE A 322 -20.05 12.31 -7.51
N GLU A 323 -19.32 11.19 -7.49
CA GLU A 323 -19.94 9.90 -7.22
C GLU A 323 -20.63 9.89 -5.86
N LYS A 324 -20.01 10.52 -4.87
CA LYS A 324 -20.59 10.54 -3.53
C LYS A 324 -21.87 11.37 -3.49
N MET A 325 -21.81 12.61 -3.98
CA MET A 325 -23.02 13.44 -4.07
C MET A 325 -24.16 12.69 -4.74
N LEU A 326 -23.92 12.22 -5.97
CA LEU A 326 -24.96 11.54 -6.72
C LEU A 326 -25.53 10.36 -5.97
N GLY A 327 -24.72 9.66 -5.18
CA GLY A 327 -25.23 8.53 -4.43
C GLY A 327 -26.26 8.93 -3.40
N GLU A 328 -25.95 9.96 -2.60
CA GLU A 328 -26.92 10.44 -1.62
C GLU A 328 -28.12 11.09 -2.30
N ALA A 329 -27.86 11.93 -3.31
CA ALA A 329 -28.93 12.69 -3.93
C ALA A 329 -29.99 11.80 -4.57
N LEU A 330 -29.58 10.65 -5.09
CA LEU A 330 -30.50 9.74 -5.75
C LEU A 330 -31.10 8.71 -4.80
N GLY A 331 -30.70 8.70 -3.52
CA GLY A 331 -31.21 7.73 -2.58
C GLY A 331 -30.67 6.33 -2.73
N ASN A 332 -29.92 6.03 -3.79
CA ASN A 332 -29.41 4.68 -4.00
C ASN A 332 -28.10 4.74 -4.79
N PRO A 333 -26.98 4.30 -4.20
CA PRO A 333 -25.71 4.37 -4.93
C PRO A 333 -25.74 3.57 -6.22
N GLN A 334 -26.66 2.62 -6.37
CA GLN A 334 -26.72 1.81 -7.57
C GLN A 334 -27.39 2.51 -8.74
N GLU A 335 -27.96 3.70 -8.55
CA GLU A 335 -28.42 4.46 -9.69
C GLU A 335 -27.37 5.42 -10.23
N VAL A 336 -26.20 5.49 -9.59
CA VAL A 336 -25.15 6.40 -10.03
C VAL A 336 -24.74 6.08 -11.46
N GLY A 337 -24.45 4.82 -11.74
CA GLY A 337 -23.98 4.41 -13.04
C GLY A 337 -24.95 4.79 -14.15
N PRO A 338 -26.20 4.36 -14.01
CA PRO A 338 -27.18 4.66 -15.07
C PRO A 338 -27.34 6.14 -15.35
N LEU A 339 -27.38 6.98 -14.32
CA LEU A 339 -27.53 8.41 -14.54
C LEU A 339 -26.29 8.98 -15.21
N LEU A 340 -25.11 8.55 -14.77
CA LEU A 340 -23.88 9.06 -15.38
C LEU A 340 -23.84 8.72 -16.86
N ASN A 341 -24.28 7.52 -17.22
CA ASN A 341 -24.23 7.09 -18.62
C ASN A 341 -25.22 7.88 -19.47
N THR A 342 -26.45 8.02 -19.00
CA THR A 342 -27.36 8.88 -19.75
C THR A 342 -26.84 10.31 -19.88
N MET A 343 -26.06 10.81 -18.90
CA MET A 343 -25.43 12.14 -18.98
C MET A 343 -24.38 12.23 -20.07
N ILE A 344 -23.72 11.13 -20.38
CA ILE A 344 -22.55 11.12 -21.27
C ILE A 344 -22.91 10.72 -22.70
N LYS A 345 -23.70 9.67 -22.87
CA LYS A 345 -23.86 9.06 -24.17
C LYS A 345 -24.46 9.98 -25.22
N GLY A 346 -23.71 10.19 -26.32
CA GLY A 346 -24.09 11.14 -27.36
C GLY A 346 -24.08 12.60 -26.99
N ARG A 347 -23.64 12.95 -25.77
CA ARG A 347 -23.44 14.31 -25.32
C ARG A 347 -21.97 14.68 -25.17
N TYR A 348 -21.17 13.86 -24.47
CA TYR A 348 -19.76 14.12 -24.21
C TYR A 348 -18.80 13.10 -24.81
N ASN A 349 -19.33 11.99 -25.30
CA ASN A 349 -18.50 10.94 -25.89
C ASN A 349 -18.76 10.93 -27.40
#